data_1FYD
#
_entry.id   1FYD
#
_cell.length_a   53.450
_cell.length_b   87.200
_cell.length_c   61.180
_cell.angle_alpha   90.00
_cell.angle_beta   111.15
_cell.angle_gamma   90.00
#
_symmetry.space_group_name_H-M   'P 1 21 1'
#
loop_
_entity.id
_entity.type
_entity.pdbx_description
1 polymer 'NH(3)-DEPENDENT NAD(+) SYNTHETASE'
2 non-polymer 'MAGNESIUM ION'
3 non-polymer 'ADENOSINE MONOPHOSPHATE'
4 non-polymer 'PYROPHOSPHATE 2-'
5 water water
#
_entity_poly.entity_id   1
_entity_poly.type   'polypeptide(L)'
_entity_poly.pdbx_seq_one_letter_code
;SMQEKIMRELHVKPSIDPKQEIEDRVNFLKQYVKKTGAKGFVLGISGGQDSTLAGRLAQLAVESIREEGGDAQFIAVRLP
HGTQQDEDDAQLALKFIKPDKSWKFDIKSTVSAFSDQYQQETGDQLTDFNKGNVKARTRMIAQYAIGGQEGLLVLGTDHA
AEAVTGFFTKYGDGGADLLPLTGLTKRQGRTLLKELGAPERLYLKEPTADLLDEKPQQSDETELGISYDEIDDYLEGKEV
SAKVSEALEKRYSMTEHKRQVPASMFDDWWK
;
_entity_poly.pdbx_strand_id   A,B
#
loop_
_chem_comp.id
_chem_comp.type
_chem_comp.name
_chem_comp.formula
AMP non-polymer 'ADENOSINE MONOPHOSPHATE' 'C10 H14 N5 O7 P'
MG non-polymer 'MAGNESIUM ION' 'Mg 2'
POP non-polymer 'PYROPHOSPHATE 2-' 'H2 O7 P2 -2'
#
# COMPACT_ATOMS: atom_id res chain seq x y z
N SER A 1 -18.70 4.05 -23.20
CA SER A 1 -17.48 4.87 -23.51
C SER A 1 -16.44 4.83 -22.39
N MET A 2 -15.17 4.89 -22.78
CA MET A 2 -14.08 4.88 -21.81
C MET A 2 -13.94 6.16 -20.99
N GLN A 3 -14.19 7.32 -21.59
CA GLN A 3 -14.06 8.58 -20.85
C GLN A 3 -15.09 8.59 -19.74
N GLU A 4 -16.35 8.42 -20.12
CA GLU A 4 -17.48 8.35 -19.21
C GLU A 4 -17.27 7.29 -18.10
N LYS A 5 -16.67 6.17 -18.45
CA LYS A 5 -16.44 5.09 -17.47
C LYS A 5 -15.38 5.38 -16.38
N ILE A 6 -14.29 6.03 -16.78
CA ILE A 6 -13.20 6.41 -15.91
C ILE A 6 -13.70 7.51 -14.96
N MET A 7 -14.63 8.34 -15.42
CA MET A 7 -15.20 9.41 -14.60
C MET A 7 -16.03 8.76 -13.49
N ARG A 8 -16.81 7.75 -13.83
CA ARG A 8 -17.62 7.08 -12.82
C ARG A 8 -16.69 6.47 -11.78
N GLU A 9 -15.77 5.61 -12.21
CA GLU A 9 -14.82 4.95 -11.31
C GLU A 9 -13.95 5.87 -10.46
N LEU A 10 -13.55 7.01 -11.01
CA LEU A 10 -12.72 7.90 -10.23
C LEU A 10 -13.54 8.89 -9.41
N HIS A 11 -14.86 8.78 -9.51
CA HIS A 11 -15.81 9.63 -8.75
C HIS A 11 -15.70 11.10 -9.08
N VAL A 12 -15.45 11.40 -10.34
CA VAL A 12 -15.30 12.78 -10.77
C VAL A 12 -16.62 13.47 -11.07
N LYS A 13 -16.72 14.71 -10.59
CA LYS A 13 -17.86 15.56 -10.81
C LYS A 13 -17.43 16.52 -11.92
N PRO A 14 -18.25 16.65 -12.96
CA PRO A 14 -17.83 17.57 -14.03
C PRO A 14 -17.93 19.04 -13.56
N SER A 15 -18.83 19.29 -12.62
CA SER A 15 -19.04 20.64 -12.08
C SER A 15 -19.16 20.55 -10.55
N ILE A 16 -18.44 21.41 -9.85
CA ILE A 16 -18.51 21.40 -8.41
C ILE A 16 -18.78 22.77 -7.85
N ASP A 17 -19.25 22.75 -6.61
CA ASP A 17 -19.50 23.95 -5.83
C ASP A 17 -18.37 23.91 -4.77
N PRO A 18 -17.34 24.79 -4.85
CA PRO A 18 -16.22 24.80 -3.88
C PRO A 18 -16.64 24.81 -2.42
N LYS A 19 -17.55 25.71 -2.08
CA LYS A 19 -18.06 25.82 -0.73
C LYS A 19 -18.64 24.51 -0.29
N GLN A 20 -19.50 23.91 -1.11
CA GLN A 20 -20.09 22.63 -0.75
C GLN A 20 -19.06 21.47 -0.70
N GLU A 21 -18.14 21.39 -1.66
CA GLU A 21 -17.11 20.33 -1.65
C GLU A 21 -16.32 20.37 -0.33
N ILE A 22 -15.85 21.55 0.03
CA ILE A 22 -15.09 21.74 1.28
C ILE A 22 -15.93 21.19 2.43
N GLU A 23 -17.21 21.57 2.47
CA GLU A 23 -18.13 21.10 3.49
C GLU A 23 -18.14 19.60 3.61
N ASP A 24 -18.37 18.94 2.49
CA ASP A 24 -18.45 17.48 2.44
C ASP A 24 -17.22 16.72 2.85
N ARG A 25 -16.09 17.29 2.46
CA ARG A 25 -14.79 16.69 2.72
C ARG A 25 -14.38 16.75 4.20
N VAL A 26 -14.51 17.92 4.81
CA VAL A 26 -14.23 18.09 6.24
C VAL A 26 -15.22 17.17 6.98
N ASN A 27 -16.51 17.18 6.61
CA ASN A 27 -17.50 16.28 7.25
C ASN A 27 -17.12 14.84 7.14
N PHE A 28 -16.50 14.44 6.02
CA PHE A 28 -16.07 13.04 5.85
C PHE A 28 -14.95 12.72 6.83
N LEU A 29 -13.98 13.63 6.95
CA LEU A 29 -12.88 13.41 7.85
C LEU A 29 -13.45 13.26 9.26
N LYS A 30 -14.43 14.09 9.61
CA LYS A 30 -15.06 14.01 10.94
C LYS A 30 -15.76 12.68 11.25
N GLN A 31 -16.59 12.25 10.31
CA GLN A 31 -17.34 11.01 10.43
C GLN A 31 -16.37 9.84 10.55
N TYR A 32 -15.33 9.85 9.73
CA TYR A 32 -14.37 8.76 9.74
C TYR A 32 -13.76 8.58 11.12
N VAL A 33 -13.24 9.67 11.65
CA VAL A 33 -12.63 9.70 12.98
C VAL A 33 -13.61 9.19 14.05
N LYS A 34 -14.79 9.78 14.12
CA LYS A 34 -15.75 9.35 15.11
C LYS A 34 -16.12 7.86 15.07
N LYS A 35 -16.15 7.28 13.88
CA LYS A 35 -16.54 5.87 13.74
C LYS A 35 -15.44 4.95 14.25
N THR A 36 -14.19 5.35 13.98
CA THR A 36 -13.01 4.59 14.32
C THR A 36 -12.50 4.77 15.77
N GLY A 37 -12.77 5.92 16.37
CA GLY A 37 -12.29 6.19 17.71
C GLY A 37 -10.83 6.63 17.73
N ALA A 38 -10.35 7.23 16.65
CA ALA A 38 -8.96 7.68 16.56
C ALA A 38 -8.82 9.05 17.18
N LYS A 39 -7.60 9.45 17.48
CA LYS A 39 -7.38 10.73 18.11
C LYS A 39 -7.08 11.85 17.15
N GLY A 40 -7.03 11.54 15.87
CA GLY A 40 -6.70 12.57 14.89
C GLY A 40 -5.99 12.10 13.63
N PHE A 41 -5.25 13.03 13.03
CA PHE A 41 -4.55 12.78 11.76
C PHE A 41 -3.09 13.17 11.77
N VAL A 42 -2.37 12.71 10.75
CA VAL A 42 -0.95 13.02 10.51
C VAL A 42 -0.77 13.05 8.98
N LEU A 43 -0.04 14.03 8.48
CA LEU A 43 0.20 14.14 7.04
C LEU A 43 1.54 14.81 6.75
N GLY A 44 2.29 14.23 5.81
CA GLY A 44 3.56 14.80 5.40
C GLY A 44 3.22 16.00 4.55
N ILE A 45 3.76 17.16 4.92
CA ILE A 45 3.55 18.42 4.21
C ILE A 45 4.83 18.68 3.40
N SER A 46 4.69 18.74 2.08
CA SER A 46 5.83 18.97 1.13
C SER A 46 5.97 20.36 0.56
N GLY A 47 4.92 21.18 0.68
CA GLY A 47 4.94 22.49 0.07
C GLY A 47 4.26 22.46 -1.30
N GLY A 48 3.69 21.29 -1.67
CA GLY A 48 3.05 21.18 -2.95
C GLY A 48 1.57 21.41 -2.77
N GLN A 49 0.89 21.68 -3.88
CA GLN A 49 -0.54 21.94 -3.84
C GLN A 49 -1.38 20.89 -3.09
N ASP A 50 -1.16 19.60 -3.37
CA ASP A 50 -1.99 18.55 -2.78
C ASP A 50 -2.07 18.36 -1.24
N SER A 51 -0.92 18.38 -0.58
CA SER A 51 -0.87 18.22 0.83
C SER A 51 -1.29 19.51 1.52
N THR A 52 -1.20 20.64 0.81
CA THR A 52 -1.60 21.92 1.36
C THR A 52 -3.11 21.93 1.49
N LEU A 53 -3.79 21.49 0.46
CA LEU A 53 -5.25 21.46 0.51
C LEU A 53 -5.69 20.42 1.55
N ALA A 54 -5.16 19.20 1.45
CA ALA A 54 -5.50 18.12 2.38
C ALA A 54 -5.18 18.43 3.86
N GLY A 55 -4.09 19.17 4.10
CA GLY A 55 -3.69 19.54 5.46
C GLY A 55 -4.65 20.54 6.05
N ARG A 56 -4.99 21.56 5.29
CA ARG A 56 -5.91 22.57 5.75
C ARG A 56 -7.29 21.91 6.07
N LEU A 57 -7.71 20.95 5.26
CA LEU A 57 -8.99 20.25 5.47
C LEU A 57 -9.00 19.44 6.75
N ALA A 58 -7.87 18.78 7.06
CA ALA A 58 -7.69 18.00 8.31
C ALA A 58 -7.70 18.94 9.53
N GLN A 59 -7.02 20.09 9.42
CA GLN A 59 -6.98 21.11 10.49
C GLN A 59 -8.40 21.63 10.74
N LEU A 60 -9.11 22.04 9.71
CA LEU A 60 -10.49 22.50 9.88
C LEU A 60 -11.40 21.45 10.53
N ALA A 61 -11.20 20.17 10.20
CA ALA A 61 -11.99 19.05 10.72
C ALA A 61 -11.76 18.87 12.21
N VAL A 62 -10.49 18.87 12.57
CA VAL A 62 -10.01 18.72 13.93
C VAL A 62 -10.54 19.88 14.77
N GLU A 63 -10.57 21.08 14.20
CA GLU A 63 -11.08 22.22 14.93
C GLU A 63 -12.57 22.13 15.16
N SER A 64 -13.26 21.51 14.22
CA SER A 64 -14.69 21.39 14.30
C SER A 64 -15.14 20.34 15.29
N ILE A 65 -14.33 19.29 15.42
CA ILE A 65 -14.61 18.21 16.35
C ILE A 65 -14.51 18.75 17.78
N ARG A 66 -13.44 19.53 18.05
CA ARG A 66 -13.21 20.15 19.35
C ARG A 66 -14.31 21.18 19.65
N GLU A 67 -14.69 21.98 18.66
CA GLU A 67 -15.76 22.94 18.86
C GLU A 67 -16.99 22.22 19.37
N GLU A 68 -17.16 20.96 18.97
CA GLU A 68 -18.30 20.15 19.38
C GLU A 68 -18.04 19.39 20.69
N GLY A 69 -17.00 19.77 21.41
CA GLY A 69 -16.67 19.10 22.65
C GLY A 69 -15.91 17.82 22.39
N GLY A 70 -15.39 17.70 21.17
CA GLY A 70 -14.64 16.54 20.81
C GLY A 70 -13.16 16.67 21.16
N ASP A 71 -12.46 15.56 20.99
CA ASP A 71 -11.05 15.42 21.27
C ASP A 71 -10.38 14.97 19.95
N ALA A 72 -9.49 15.78 19.39
CA ALA A 72 -8.81 15.39 18.15
C ALA A 72 -7.69 16.35 17.87
N GLN A 73 -6.63 15.85 17.24
CA GLN A 73 -5.47 16.69 16.93
C GLN A 73 -4.90 16.38 15.55
N PHE A 74 -4.12 17.33 15.02
CA PHE A 74 -3.49 17.19 13.72
C PHE A 74 -1.96 17.41 13.77
N ILE A 75 -1.19 16.38 13.42
CA ILE A 75 0.25 16.52 13.36
C ILE A 75 0.63 16.61 11.87
N ALA A 76 1.30 17.69 11.49
CA ALA A 76 1.75 17.89 10.12
C ALA A 76 3.24 17.62 10.23
N VAL A 77 3.79 16.79 9.35
CA VAL A 77 5.22 16.44 9.36
C VAL A 77 6.00 16.82 8.09
N ARG A 78 7.14 17.50 8.24
CA ARG A 78 8.00 17.81 7.09
C ARG A 78 8.89 16.56 6.93
N LEU A 79 8.89 15.92 5.77
CA LEU A 79 9.69 14.72 5.57
C LEU A 79 10.78 14.95 4.49
N PRO A 80 11.77 15.78 4.83
CA PRO A 80 12.83 16.06 3.87
C PRO A 80 13.85 14.95 3.81
N HIS A 81 14.57 14.92 2.70
CA HIS A 81 15.65 13.96 2.50
C HIS A 81 16.86 14.86 2.54
N GLY A 82 17.30 15.20 3.74
CA GLY A 82 18.43 16.08 3.90
C GLY A 82 17.85 17.48 3.78
N THR A 83 18.33 18.23 2.81
CA THR A 83 17.86 19.59 2.58
C THR A 83 16.89 19.57 1.40
N GLN A 84 15.69 20.11 1.60
CA GLN A 84 14.71 20.17 0.51
C GLN A 84 14.88 21.48 -0.21
N GLN A 85 15.07 21.42 -1.53
CA GLN A 85 15.26 22.62 -2.33
C GLN A 85 14.13 23.61 -2.14
N ASP A 86 12.89 23.14 -2.22
CA ASP A 86 11.74 24.03 -2.04
C ASP A 86 11.25 24.07 -0.61
N GLU A 87 12.19 24.02 0.33
CA GLU A 87 11.86 24.06 1.74
C GLU A 87 10.95 25.23 2.13
N ASP A 88 11.18 26.39 1.52
CA ASP A 88 10.41 27.60 1.82
C ASP A 88 8.94 27.54 1.48
N ASP A 89 8.59 26.77 0.46
CA ASP A 89 7.18 26.61 0.10
C ASP A 89 6.56 25.74 1.20
N ALA A 90 7.35 24.78 1.70
CA ALA A 90 6.90 23.92 2.79
C ALA A 90 6.56 24.74 4.05
N GLN A 91 7.33 25.79 4.32
CA GLN A 91 7.07 26.65 5.46
C GLN A 91 5.91 27.62 5.18
N LEU A 92 5.81 28.14 3.97
CA LEU A 92 4.71 29.04 3.61
C LEU A 92 3.41 28.22 3.79
N ALA A 93 3.48 26.93 3.50
CA ALA A 93 2.33 26.06 3.65
C ALA A 93 1.96 25.82 5.12
N LEU A 94 2.94 25.53 5.96
CA LEU A 94 2.69 25.31 7.38
C LEU A 94 2.01 26.55 7.92
N LYS A 95 2.42 27.70 7.40
CA LYS A 95 1.88 28.98 7.79
C LYS A 95 0.42 29.20 7.39
N PHE A 96 -0.04 28.57 6.31
CA PHE A 96 -1.43 28.67 5.83
C PHE A 96 -2.28 27.60 6.56
N ILE A 97 -1.73 26.39 6.65
CA ILE A 97 -2.45 25.32 7.31
C ILE A 97 -2.67 25.64 8.78
N LYS A 98 -1.60 26.01 9.48
CA LYS A 98 -1.66 26.30 10.92
C LYS A 98 -2.01 25.01 11.68
N PRO A 99 -1.20 23.95 11.50
CA PRO A 99 -1.45 22.66 12.16
C PRO A 99 -1.35 22.68 13.70
N ASP A 100 -2.07 21.78 14.37
CA ASP A 100 -1.98 21.72 15.83
C ASP A 100 -0.50 21.49 16.18
N LYS A 101 0.17 20.59 15.46
CA LYS A 101 1.57 20.34 15.74
C LYS A 101 2.34 20.20 14.45
N SER A 102 3.59 20.68 14.46
CA SER A 102 4.45 20.59 13.29
C SER A 102 5.68 19.85 13.73
N TRP A 103 5.84 18.63 13.21
CA TRP A 103 7.00 17.83 13.52
C TRP A 103 7.90 17.73 12.28
N LYS A 104 9.05 17.09 12.43
CA LYS A 104 10.00 16.93 11.35
C LYS A 104 10.64 15.57 11.47
N PHE A 105 10.90 14.91 10.33
CA PHE A 105 11.58 13.63 10.34
C PHE A 105 12.37 13.59 9.06
N ASP A 106 13.69 13.64 9.18
CA ASP A 106 14.58 13.59 8.03
C ASP A 106 14.73 12.12 7.65
N ILE A 107 14.34 11.75 6.44
CA ILE A 107 14.42 10.35 6.01
C ILE A 107 15.78 9.88 5.46
N LYS A 108 16.70 10.81 5.27
CA LYS A 108 18.00 10.49 4.71
C LYS A 108 18.82 9.33 5.26
N SER A 109 18.93 9.20 6.57
CA SER A 109 19.76 8.17 7.17
C SER A 109 19.19 6.77 7.04
N THR A 110 17.87 6.70 7.00
CA THR A 110 17.16 5.44 6.83
C THR A 110 17.33 4.99 5.38
N VAL A 111 17.22 5.93 4.43
CA VAL A 111 17.39 5.61 3.00
C VAL A 111 18.86 5.21 2.72
N SER A 112 19.81 5.83 3.43
CA SER A 112 21.23 5.49 3.26
C SER A 112 21.54 4.14 3.85
N ALA A 113 21.04 3.92 5.06
CA ALA A 113 21.25 2.65 5.72
C ALA A 113 20.80 1.56 4.72
N PHE A 114 19.58 1.72 4.19
CA PHE A 114 19.01 0.78 3.22
C PHE A 114 19.83 0.56 1.94
N SER A 115 20.26 1.62 1.27
CA SER A 115 21.05 1.46 0.03
C SER A 115 22.45 0.90 0.26
N ASP A 116 23.03 1.19 1.41
CA ASP A 116 24.35 0.68 1.71
C ASP A 116 24.23 -0.82 1.80
N GLN A 117 23.23 -1.24 2.58
CA GLN A 117 22.97 -2.65 2.76
C GLN A 117 22.63 -3.29 1.41
N TYR A 118 21.83 -2.60 0.58
CA TYR A 118 21.44 -3.17 -0.70
C TYR A 118 22.68 -3.51 -1.51
N GLN A 119 23.59 -2.56 -1.60
CA GLN A 119 24.79 -2.77 -2.37
C GLN A 119 25.67 -3.85 -1.75
N GLN A 120 25.69 -3.91 -0.42
CA GLN A 120 26.46 -4.92 0.28
C GLN A 120 25.85 -6.33 0.06
N GLU A 121 24.52 -6.43 0.02
CA GLU A 121 23.87 -7.72 -0.13
C GLU A 121 23.79 -8.23 -1.57
N THR A 122 23.72 -7.31 -2.53
CA THR A 122 23.58 -7.76 -3.90
C THR A 122 24.75 -7.49 -4.81
N GLY A 123 25.60 -6.56 -4.45
CA GLY A 123 26.69 -6.25 -5.33
C GLY A 123 26.30 -5.13 -6.29
N ASP A 124 25.00 -4.83 -6.46
CA ASP A 124 24.64 -3.74 -7.34
C ASP A 124 24.04 -2.54 -6.63
N GLN A 125 24.25 -1.37 -7.22
CA GLN A 125 23.76 -0.11 -6.64
C GLN A 125 22.34 0.13 -7.12
N LEU A 126 21.51 0.72 -6.26
CA LEU A 126 20.13 1.03 -6.60
C LEU A 126 20.09 2.14 -7.62
N THR A 127 19.27 1.98 -8.65
CA THR A 127 19.14 3.00 -9.67
C THR A 127 18.44 4.15 -8.99
N ASP A 128 18.59 5.35 -9.54
CA ASP A 128 17.98 6.55 -8.99
C ASP A 128 16.45 6.47 -8.86
N PHE A 129 15.81 5.82 -9.83
CA PHE A 129 14.36 5.65 -9.81
C PHE A 129 13.92 4.73 -8.66
N ASN A 130 14.72 3.68 -8.37
CA ASN A 130 14.42 2.74 -7.30
C ASN A 130 14.67 3.31 -5.93
N LYS A 131 15.73 4.11 -5.78
CA LYS A 131 16.00 4.77 -4.51
C LYS A 131 14.89 5.80 -4.29
N GLY A 132 14.39 6.37 -5.38
CA GLY A 132 13.32 7.34 -5.30
C GLY A 132 12.11 6.68 -4.69
N ASN A 133 11.84 5.43 -5.08
CA ASN A 133 10.71 4.69 -4.54
C ASN A 133 10.95 4.27 -3.10
N VAL A 134 12.21 4.13 -2.72
CA VAL A 134 12.57 3.78 -1.33
C VAL A 134 12.30 5.03 -0.47
N LYS A 135 12.43 6.22 -1.05
CA LYS A 135 12.16 7.45 -0.34
C LYS A 135 10.68 7.61 -0.03
N ALA A 136 9.80 7.38 -1.01
CA ALA A 136 8.35 7.52 -0.76
C ALA A 136 7.84 6.51 0.28
N ARG A 137 8.29 5.27 0.17
CA ARG A 137 7.94 4.21 1.11
C ARG A 137 8.50 4.52 2.52
N THR A 138 9.69 5.12 2.61
CA THR A 138 10.25 5.46 3.91
C THR A 138 9.36 6.54 4.51
N ARG A 139 8.86 7.47 3.67
CA ARG A 139 7.97 8.49 4.18
C ARG A 139 6.71 7.82 4.72
N MET A 140 6.24 6.77 4.07
CA MET A 140 5.06 6.09 4.55
C MET A 140 5.33 5.51 5.97
N ILE A 141 6.51 4.91 6.17
CA ILE A 141 6.83 4.31 7.45
C ILE A 141 6.86 5.40 8.51
N ALA A 142 7.52 6.50 8.21
CA ALA A 142 7.62 7.62 9.14
C ALA A 142 6.25 8.06 9.59
N GLN A 143 5.35 8.15 8.63
CA GLN A 143 4.00 8.57 8.92
C GLN A 143 3.23 7.57 9.74
N TYR A 144 3.34 6.29 9.39
CA TYR A 144 2.66 5.23 10.15
C TYR A 144 3.23 5.00 11.58
N ALA A 145 4.51 5.34 11.80
CA ALA A 145 5.16 5.18 13.09
C ALA A 145 4.59 6.22 14.05
N ILE A 146 4.47 7.45 13.59
CA ILE A 146 3.87 8.53 14.36
C ILE A 146 2.42 8.23 14.68
N GLY A 147 1.62 7.95 13.63
CA GLY A 147 0.22 7.62 13.82
C GLY A 147 0.07 6.47 14.79
N GLY A 148 1.00 5.52 14.74
CA GLY A 148 0.99 4.38 15.62
C GLY A 148 1.39 4.71 17.05
N GLN A 149 2.22 5.73 17.26
CA GLN A 149 2.61 6.07 18.62
C GLN A 149 1.60 6.99 19.29
N GLU A 150 0.96 7.82 18.48
CA GLU A 150 0.00 8.79 18.96
C GLU A 150 -1.46 8.45 18.72
N GLY A 151 -1.75 7.33 18.09
CA GLY A 151 -3.14 6.96 17.84
C GLY A 151 -3.83 7.82 16.80
N LEU A 152 -3.13 8.12 15.70
CA LEU A 152 -3.72 8.95 14.64
C LEU A 152 -3.83 8.23 13.28
N LEU A 153 -4.74 8.66 12.41
CA LEU A 153 -4.92 8.05 11.11
C LEU A 153 -4.07 8.74 10.03
N VAL A 154 -3.42 7.97 9.16
CA VAL A 154 -2.64 8.59 8.09
C VAL A 154 -3.50 9.07 6.89
N LEU A 155 -3.36 10.35 6.55
CA LEU A 155 -4.09 10.96 5.42
C LEU A 155 -3.31 10.76 4.13
N GLY A 156 -4.07 10.49 3.05
CA GLY A 156 -3.55 10.32 1.70
C GLY A 156 -3.97 11.53 0.85
N THR A 157 -3.09 11.93 -0.09
CA THR A 157 -3.37 13.07 -0.98
C THR A 157 -3.84 12.70 -2.38
N ASP A 158 -4.27 11.46 -2.53
CA ASP A 158 -4.73 10.95 -3.80
C ASP A 158 -5.93 11.70 -4.28
N HIS A 159 -5.90 11.97 -5.58
CA HIS A 159 -6.95 12.64 -6.31
C HIS A 159 -7.03 12.06 -7.72
N ALA A 160 -8.08 12.44 -8.44
CA ALA A 160 -8.37 11.96 -9.78
C ALA A 160 -7.29 12.25 -10.81
N ALA A 161 -6.76 13.48 -10.81
CA ALA A 161 -5.71 13.81 -11.78
C ALA A 161 -4.46 12.93 -11.68
N GLU A 162 -4.29 12.19 -10.59
CA GLU A 162 -3.16 11.24 -10.51
C GLU A 162 -3.67 9.82 -10.42
N ALA A 163 -4.94 9.69 -10.08
CA ALA A 163 -5.51 8.37 -10.04
C ALA A 163 -5.53 7.85 -11.48
N VAL A 164 -5.92 8.68 -12.46
CA VAL A 164 -6.00 8.27 -13.88
C VAL A 164 -4.70 7.82 -14.55
N THR A 165 -3.60 8.45 -14.14
CA THR A 165 -2.28 8.14 -14.68
C THR A 165 -1.48 7.19 -13.78
N GLY A 166 -2.06 6.81 -12.64
CA GLY A 166 -1.40 5.91 -11.70
C GLY A 166 -0.08 6.50 -11.30
N PHE A 167 -0.02 7.82 -11.26
CA PHE A 167 1.20 8.56 -10.94
C PHE A 167 1.51 8.71 -9.44
N PHE A 168 1.78 7.58 -8.78
CA PHE A 168 2.12 7.59 -7.37
C PHE A 168 2.85 6.28 -7.09
N THR A 169 3.48 6.17 -5.93
CA THR A 169 4.21 4.96 -5.57
C THR A 169 3.34 4.02 -4.72
N LYS A 170 3.23 2.80 -5.20
CA LYS A 170 2.48 1.76 -4.54
C LYS A 170 3.11 1.58 -3.13
N TYR A 171 2.32 1.76 -2.07
CA TYR A 171 2.79 1.63 -0.69
C TYR A 171 3.75 2.74 -0.25
N GLY A 172 3.88 3.78 -1.08
CA GLY A 172 4.71 4.93 -0.75
C GLY A 172 3.62 5.95 -0.48
N ASP A 173 3.50 6.96 -1.32
CA ASP A 173 2.43 7.93 -1.12
C ASP A 173 1.03 7.35 -1.36
N GLY A 174 1.00 6.16 -1.98
CA GLY A 174 -0.27 5.52 -2.25
C GLY A 174 -0.81 4.81 -1.02
N GLY A 175 0.04 4.60 0.00
CA GLY A 175 -0.41 3.92 1.20
C GLY A 175 -0.89 4.93 2.23
N ALA A 176 -2.12 4.78 2.72
CA ALA A 176 -2.68 5.71 3.70
C ALA A 176 -3.96 5.13 4.27
N ASP A 177 -4.59 5.81 5.22
CA ASP A 177 -5.82 5.25 5.79
C ASP A 177 -7.10 5.79 5.11
N LEU A 178 -7.15 7.10 4.92
CA LEU A 178 -8.28 7.78 4.29
C LEU A 178 -7.76 8.82 3.34
N LEU A 179 -8.59 9.12 2.34
CA LEU A 179 -8.27 10.05 1.26
C LEU A 179 -9.33 11.15 1.12
N PRO A 180 -9.06 12.37 1.61
CA PRO A 180 -10.05 13.44 1.50
C PRO A 180 -10.19 14.13 0.13
N LEU A 181 -9.27 13.88 -0.80
CA LEU A 181 -9.29 14.53 -2.09
C LEU A 181 -9.79 13.69 -3.25
N THR A 182 -10.17 12.46 -2.98
CA THR A 182 -10.68 11.56 -4.02
C THR A 182 -11.70 12.10 -5.01
N GLY A 183 -11.37 12.01 -6.30
CA GLY A 183 -12.29 12.46 -7.34
C GLY A 183 -12.17 13.91 -7.72
N LEU A 184 -11.23 14.63 -7.13
CA LEU A 184 -11.05 16.04 -7.49
C LEU A 184 -10.02 16.09 -8.61
N THR A 185 -10.26 16.93 -9.62
CA THR A 185 -9.25 17.12 -10.65
C THR A 185 -8.27 18.15 -10.09
N LYS A 186 -7.20 18.40 -10.83
CA LYS A 186 -6.16 19.33 -10.44
C LYS A 186 -6.65 20.79 -10.46
N ARG A 187 -7.40 21.20 -11.50
CA ARG A 187 -7.90 22.57 -11.55
C ARG A 187 -8.99 22.80 -10.50
N GLN A 188 -9.73 21.75 -10.14
CA GLN A 188 -10.76 21.87 -9.08
C GLN A 188 -10.13 22.01 -7.68
N GLY A 189 -8.98 21.39 -7.45
CA GLY A 189 -8.28 21.45 -6.16
C GLY A 189 -7.80 22.86 -5.90
N ARG A 190 -7.21 23.46 -6.92
CA ARG A 190 -6.70 24.82 -6.91
C ARG A 190 -7.85 25.75 -6.53
N THR A 191 -9.03 25.46 -7.05
CA THR A 191 -10.25 26.21 -6.79
C THR A 191 -10.73 26.10 -5.33
N LEU A 192 -10.42 24.98 -4.67
CA LEU A 192 -10.76 24.82 -3.25
C LEU A 192 -9.71 25.62 -2.46
N LEU A 193 -8.45 25.56 -2.89
CA LEU A 193 -7.41 26.33 -2.22
C LEU A 193 -7.69 27.82 -2.29
N LYS A 194 -8.23 28.27 -3.43
CA LYS A 194 -8.61 29.67 -3.63
C LYS A 194 -9.71 30.08 -2.64
N GLU A 195 -10.71 29.23 -2.46
CA GLU A 195 -11.78 29.48 -1.50
C GLU A 195 -11.22 29.58 -0.10
N LEU A 196 -10.30 28.66 0.21
CA LEU A 196 -9.69 28.59 1.52
C LEU A 196 -8.75 29.77 1.81
N GLY A 197 -8.44 30.56 0.78
CA GLY A 197 -7.57 31.73 0.96
C GLY A 197 -6.11 31.35 0.90
N ALA A 198 -5.79 30.27 0.19
CA ALA A 198 -4.41 29.85 0.12
C ALA A 198 -3.55 30.83 -0.64
N PRO A 199 -2.24 30.88 -0.33
CA PRO A 199 -1.28 31.77 -0.98
C PRO A 199 -1.00 31.19 -2.36
N GLU A 200 -1.08 32.02 -3.39
CA GLU A 200 -0.90 31.58 -4.77
C GLU A 200 0.35 30.86 -5.14
N ARG A 201 1.46 31.15 -4.48
CA ARG A 201 2.68 30.46 -4.81
C ARG A 201 2.49 28.96 -4.69
N LEU A 202 1.67 28.58 -3.73
CA LEU A 202 1.38 27.18 -3.43
C LEU A 202 0.60 26.40 -4.50
N TYR A 203 -0.26 27.07 -5.27
CA TYR A 203 -0.98 26.37 -6.30
C TYR A 203 -0.52 26.79 -7.69
N LEU A 204 0.35 27.79 -7.76
CA LEU A 204 0.86 28.26 -9.05
C LEU A 204 2.14 27.60 -9.47
N LYS A 205 2.84 26.98 -8.51
CA LYS A 205 4.11 26.29 -8.76
C LYS A 205 3.87 24.99 -9.52
N GLU A 206 4.90 24.43 -10.14
CA GLU A 206 4.75 23.18 -10.90
C GLU A 206 4.75 21.93 -10.01
N PRO A 207 3.77 21.02 -10.21
CA PRO A 207 3.70 19.80 -9.41
C PRO A 207 4.89 18.89 -9.70
N THR A 208 5.44 18.33 -8.63
CA THR A 208 6.59 17.44 -8.72
C THR A 208 6.62 16.47 -7.54
N ALA A 209 7.21 15.30 -7.79
CA ALA A 209 7.34 14.24 -6.80
C ALA A 209 8.67 14.38 -6.07
N ASP A 210 9.66 14.95 -6.75
CA ASP A 210 11.00 15.17 -6.19
C ASP A 210 11.65 13.96 -5.46
N LEU A 211 11.64 12.79 -6.10
CA LEU A 211 12.22 11.60 -5.48
C LEU A 211 13.59 11.24 -6.08
N LEU A 212 14.07 12.06 -7.00
CA LEU A 212 15.34 11.83 -7.67
C LEU A 212 16.44 12.76 -7.24
N ASP A 213 17.61 12.19 -7.00
CA ASP A 213 18.79 12.98 -6.62
C ASP A 213 19.48 13.42 -7.90
N GLU A 214 19.31 12.60 -8.93
CA GLU A 214 19.90 12.86 -10.25
C GLU A 214 19.19 14.04 -10.91
N LYS A 215 17.87 14.12 -10.72
CA LYS A 215 17.08 15.19 -11.30
C LYS A 215 15.95 15.60 -10.36
N PRO A 216 16.29 16.41 -9.35
CA PRO A 216 15.33 16.90 -8.36
C PRO A 216 14.39 17.94 -8.94
N GLN A 217 13.24 18.09 -8.29
CA GLN A 217 12.22 19.06 -8.70
C GLN A 217 11.70 18.78 -10.10
N GLN A 218 11.93 17.58 -10.64
CA GLN A 218 11.44 17.26 -11.98
C GLN A 218 9.91 17.19 -11.97
N SER A 219 9.29 18.11 -12.72
CA SER A 219 7.84 18.20 -12.78
C SER A 219 7.18 16.96 -13.32
N ASP A 220 5.95 16.75 -12.88
CA ASP A 220 5.14 15.60 -13.28
C ASP A 220 4.92 15.63 -14.79
N GLU A 221 4.61 16.80 -15.33
CA GLU A 221 4.35 16.99 -16.75
C GLU A 221 5.54 16.60 -17.65
N THR A 222 6.72 16.53 -17.05
CA THR A 222 7.94 16.12 -17.77
C THR A 222 7.92 14.60 -17.87
N GLU A 223 7.45 13.98 -16.82
CA GLU A 223 7.37 12.53 -16.71
C GLU A 223 6.23 11.96 -17.55
N LEU A 224 5.03 12.48 -17.30
CA LEU A 224 3.81 12.02 -17.95
C LEU A 224 3.66 12.16 -19.47
N GLY A 225 4.01 13.33 -20.01
CA GLY A 225 3.87 13.52 -21.44
C GLY A 225 2.59 14.26 -21.83
N ILE A 226 1.81 14.65 -20.82
CA ILE A 226 0.56 15.40 -21.06
C ILE A 226 0.59 16.44 -19.96
N SER A 227 -0.21 17.47 -20.10
CA SER A 227 -0.26 18.49 -19.08
C SER A 227 -1.52 18.23 -18.25
N TYR A 228 -1.56 18.81 -17.05
CA TYR A 228 -2.70 18.63 -16.17
C TYR A 228 -4.01 19.22 -16.72
N ASP A 229 -3.91 20.19 -17.62
CA ASP A 229 -5.14 20.76 -18.17
C ASP A 229 -5.81 19.80 -19.11
N GLU A 230 -5.00 19.07 -19.87
CA GLU A 230 -5.52 18.09 -20.80
C GLU A 230 -6.10 16.95 -20.01
N ILE A 231 -5.41 16.55 -18.94
CA ILE A 231 -5.90 15.48 -18.09
C ILE A 231 -7.21 15.95 -17.45
N ASP A 232 -7.23 17.20 -16.97
CA ASP A 232 -8.44 17.74 -16.34
C ASP A 232 -9.63 17.84 -17.31
N ASP A 233 -9.39 18.29 -18.56
CA ASP A 233 -10.47 18.41 -19.54
C ASP A 233 -11.10 17.04 -19.76
N TYR A 234 -10.26 16.03 -19.77
CA TYR A 234 -10.72 14.67 -19.97
C TYR A 234 -11.49 14.17 -18.75
N LEU A 235 -10.97 14.40 -17.54
CA LEU A 235 -11.68 13.93 -16.35
C LEU A 235 -12.99 14.64 -16.20
N GLU A 236 -13.03 15.88 -16.63
CA GLU A 236 -14.24 16.67 -16.49
C GLU A 236 -15.29 16.49 -17.57
N GLY A 237 -15.01 15.57 -18.48
CA GLY A 237 -15.93 15.28 -19.55
C GLY A 237 -15.86 16.18 -20.76
N LYS A 238 -14.83 17.02 -20.88
CA LYS A 238 -14.72 17.89 -22.06
C LYS A 238 -14.27 17.04 -23.23
N GLU A 239 -14.66 17.42 -24.44
CA GLU A 239 -14.25 16.65 -25.61
C GLU A 239 -12.84 17.09 -25.94
N VAL A 240 -11.93 16.14 -25.95
CA VAL A 240 -10.52 16.40 -26.14
C VAL A 240 -10.00 15.74 -27.40
N SER A 241 -8.80 16.12 -27.82
CA SER A 241 -8.17 15.55 -29.00
C SER A 241 -7.89 14.08 -28.81
N ALA A 242 -8.10 13.32 -29.88
CA ALA A 242 -7.88 11.89 -29.89
C ALA A 242 -6.54 11.51 -29.27
N LYS A 243 -5.53 12.36 -29.46
CA LYS A 243 -4.20 12.09 -28.92
C LYS A 243 -4.12 12.09 -27.40
N VAL A 244 -5.01 12.84 -26.75
CA VAL A 244 -5.08 12.90 -25.29
C VAL A 244 -5.82 11.65 -24.80
N SER A 245 -7.00 11.40 -25.36
CA SER A 245 -7.77 10.21 -25.00
C SER A 245 -6.96 8.91 -25.10
N GLU A 246 -6.40 8.64 -26.30
CA GLU A 246 -5.64 7.42 -26.53
C GLU A 246 -4.57 7.23 -25.49
N ALA A 247 -3.86 8.31 -25.23
CA ALA A 247 -2.78 8.34 -24.26
C ALA A 247 -3.20 8.05 -22.83
N LEU A 248 -4.20 8.79 -22.33
CA LEU A 248 -4.70 8.60 -20.97
C LEU A 248 -5.31 7.22 -20.75
N GLU A 249 -6.11 6.79 -21.71
CA GLU A 249 -6.75 5.49 -21.62
C GLU A 249 -5.80 4.33 -21.55
N LYS A 250 -4.63 4.45 -22.18
CA LYS A 250 -3.64 3.36 -22.13
C LYS A 250 -2.87 3.33 -20.81
N ARG A 251 -2.53 4.52 -20.30
CA ARG A 251 -1.80 4.66 -19.04
C ARG A 251 -2.71 4.22 -17.89
N TYR A 252 -4.00 4.51 -18.06
CA TYR A 252 -4.97 4.13 -17.08
C TYR A 252 -5.13 2.62 -17.03
N SER A 253 -5.22 1.97 -18.19
CA SER A 253 -5.35 0.51 -18.18
C SER A 253 -4.12 -0.16 -17.61
N MET A 254 -2.94 0.32 -17.93
CA MET A 254 -1.76 -0.32 -17.39
C MET A 254 -1.38 -0.03 -15.95
N THR A 255 -2.18 0.78 -15.27
CA THR A 255 -1.91 1.09 -13.87
C THR A 255 -3.05 0.64 -12.93
N GLU A 256 -3.95 -0.22 -13.41
CA GLU A 256 -5.04 -0.72 -12.60
C GLU A 256 -4.60 -1.47 -11.34
N HIS A 257 -3.44 -2.13 -11.41
CA HIS A 257 -2.95 -2.84 -10.23
C HIS A 257 -2.62 -1.86 -9.09
N LYS A 258 -2.55 -0.56 -9.38
CA LYS A 258 -2.24 0.41 -8.34
C LYS A 258 -3.50 0.92 -7.67
N ARG A 259 -4.65 0.64 -8.29
CA ARG A 259 -5.90 1.10 -7.77
C ARG A 259 -6.76 -0.04 -7.28
N GLN A 260 -6.10 -1.16 -7.07
CA GLN A 260 -6.75 -2.37 -6.62
C GLN A 260 -5.94 -2.94 -5.48
N VAL A 261 -6.55 -3.88 -4.78
CA VAL A 261 -5.94 -4.60 -3.67
C VAL A 261 -5.13 -5.70 -4.40
N PRO A 262 -4.14 -6.34 -3.75
CA PRO A 262 -3.38 -7.39 -4.42
C PRO A 262 -4.28 -8.34 -5.18
N ALA A 263 -3.81 -8.69 -6.37
CA ALA A 263 -4.49 -9.57 -7.33
C ALA A 263 -4.51 -11.00 -6.87
N SER A 264 -5.69 -11.61 -6.98
CA SER A 264 -5.89 -13.00 -6.61
C SER A 264 -6.44 -13.71 -7.87
N MET A 265 -6.55 -15.04 -7.83
CA MET A 265 -7.09 -15.72 -9.00
C MET A 265 -8.60 -15.48 -9.16
N PHE A 266 -9.25 -14.97 -8.12
CA PHE A 266 -10.70 -14.72 -8.15
C PHE A 266 -11.06 -13.32 -8.66
N ASP A 267 -10.04 -12.55 -9.05
CA ASP A 267 -10.28 -11.21 -9.55
C ASP A 267 -10.24 -11.18 -11.06
N ASP A 268 -11.21 -10.48 -11.63
CA ASP A 268 -11.34 -10.34 -13.06
C ASP A 268 -10.59 -9.14 -13.57
N TRP A 269 -10.62 -8.04 -12.82
CA TRP A 269 -10.00 -6.80 -13.27
C TRP A 269 -8.72 -6.91 -14.07
N TRP A 270 -7.89 -7.91 -13.76
CA TRP A 270 -6.60 -8.09 -14.44
C TRP A 270 -6.65 -9.04 -15.65
N LYS A 271 -7.65 -9.92 -15.67
CA LYS A 271 -7.80 -10.90 -16.74
C LYS A 271 -7.88 -10.33 -18.14
N SER B 1 -26.71 -15.05 7.17
CA SER B 1 -25.69 -15.61 8.11
C SER B 1 -24.37 -14.89 7.83
N MET B 2 -23.68 -14.41 8.86
CA MET B 2 -22.39 -13.76 8.66
C MET B 2 -21.34 -14.79 8.25
N GLN B 3 -21.47 -16.00 8.80
CA GLN B 3 -20.56 -17.11 8.48
C GLN B 3 -20.53 -17.35 6.98
N GLU B 4 -21.69 -17.57 6.38
CA GLU B 4 -21.77 -17.75 4.92
C GLU B 4 -21.21 -16.53 4.14
N LYS B 5 -21.59 -15.32 4.53
CA LYS B 5 -21.12 -14.11 3.88
C LYS B 5 -19.62 -13.98 3.94
N ILE B 6 -19.06 -14.26 5.10
CA ILE B 6 -17.63 -14.17 5.26
C ILE B 6 -16.97 -15.20 4.34
N MET B 7 -17.48 -16.43 4.36
CA MET B 7 -16.95 -17.53 3.54
C MET B 7 -16.99 -17.18 2.04
N ARG B 8 -18.07 -16.54 1.64
CA ARG B 8 -18.24 -16.13 0.26
C ARG B 8 -17.17 -15.10 -0.08
N GLU B 9 -17.05 -14.09 0.76
CA GLU B 9 -16.09 -13.02 0.52
C GLU B 9 -14.64 -13.41 0.57
N LEU B 10 -14.30 -14.38 1.41
CA LEU B 10 -12.92 -14.80 1.50
C LEU B 10 -12.59 -15.91 0.52
N HIS B 11 -13.59 -16.28 -0.29
CA HIS B 11 -13.44 -17.31 -1.33
C HIS B 11 -13.03 -18.69 -0.85
N VAL B 12 -13.56 -19.08 0.31
CA VAL B 12 -13.23 -20.39 0.89
C VAL B 12 -14.17 -21.48 0.43
N LYS B 13 -13.62 -22.65 0.15
CA LYS B 13 -14.45 -23.76 -0.25
C LYS B 13 -14.48 -24.65 0.96
N PRO B 14 -15.60 -25.35 1.21
CA PRO B 14 -15.75 -26.27 2.34
C PRO B 14 -14.85 -27.50 2.20
N SER B 15 -14.57 -27.90 0.96
CA SER B 15 -13.69 -29.05 0.68
C SER B 15 -12.84 -28.78 -0.56
N ILE B 16 -11.59 -29.19 -0.53
CA ILE B 16 -10.72 -28.99 -1.65
C ILE B 16 -10.11 -30.27 -2.22
N ASP B 17 -9.56 -30.13 -3.42
CA ASP B 17 -8.87 -31.22 -4.11
C ASP B 17 -7.44 -30.64 -4.09
N PRO B 18 -6.60 -31.12 -3.16
CA PRO B 18 -5.23 -30.58 -3.10
C PRO B 18 -4.44 -30.56 -4.41
N LYS B 19 -4.55 -31.62 -5.22
CA LYS B 19 -3.84 -31.70 -6.50
C LYS B 19 -4.36 -30.68 -7.54
N GLN B 20 -5.68 -30.48 -7.59
CA GLN B 20 -6.26 -29.56 -8.56
C GLN B 20 -5.97 -28.13 -8.08
N GLU B 21 -5.95 -27.95 -6.76
CA GLU B 21 -5.66 -26.65 -6.16
C GLU B 21 -4.24 -26.21 -6.53
N ILE B 22 -3.29 -27.13 -6.48
CA ILE B 22 -1.91 -26.82 -6.83
C ILE B 22 -1.80 -26.35 -8.31
N GLU B 23 -2.43 -27.10 -9.22
CA GLU B 23 -2.45 -26.74 -10.63
C GLU B 23 -3.10 -25.39 -10.90
N ASP B 24 -4.31 -25.17 -10.37
CA ASP B 24 -5.00 -23.89 -10.60
C ASP B 24 -4.19 -22.72 -10.10
N ARG B 25 -3.58 -22.89 -8.93
CA ARG B 25 -2.79 -21.83 -8.32
C ARG B 25 -1.49 -21.53 -9.05
N VAL B 26 -0.89 -22.57 -9.60
CA VAL B 26 0.34 -22.41 -10.38
C VAL B 26 -0.05 -21.74 -11.70
N ASN B 27 -1.12 -22.26 -12.32
CA ASN B 27 -1.63 -21.67 -13.57
C ASN B 27 -1.95 -20.21 -13.35
N PHE B 28 -2.52 -19.87 -12.19
CA PHE B 28 -2.85 -18.47 -11.88
C PHE B 28 -1.57 -17.68 -11.96
N LEU B 29 -0.52 -18.15 -11.27
CA LEU B 29 0.79 -17.48 -11.29
C LEU B 29 1.45 -17.29 -12.67
N LYS B 30 1.43 -18.34 -13.49
CA LYS B 30 1.98 -18.27 -14.84
C LYS B 30 1.22 -17.23 -15.65
N GLN B 31 -0.08 -17.41 -15.70
CA GLN B 31 -0.96 -16.51 -16.44
C GLN B 31 -0.77 -15.04 -16.00
N TYR B 32 -0.67 -14.80 -14.71
CA TYR B 32 -0.52 -13.41 -14.25
C TYR B 32 0.77 -12.77 -14.76
N VAL B 33 1.87 -13.50 -14.62
CA VAL B 33 3.15 -12.95 -15.03
C VAL B 33 3.22 -12.74 -16.54
N LYS B 34 2.51 -13.58 -17.29
CA LYS B 34 2.48 -13.49 -18.74
C LYS B 34 1.68 -12.28 -19.15
N LYS B 35 0.59 -12.01 -18.44
CA LYS B 35 -0.26 -10.84 -18.70
C LYS B 35 0.52 -9.54 -18.43
N THR B 36 1.26 -9.47 -17.33
CA THR B 36 2.02 -8.27 -16.98
C THR B 36 3.35 -8.06 -17.73
N GLY B 37 3.90 -9.15 -18.27
CA GLY B 37 5.18 -9.08 -18.94
C GLY B 37 6.35 -9.01 -17.97
N ALA B 38 6.14 -9.42 -16.72
CA ALA B 38 7.19 -9.38 -15.69
C ALA B 38 8.16 -10.54 -15.83
N LYS B 39 9.36 -10.40 -15.29
CA LYS B 39 10.35 -11.45 -15.43
C LYS B 39 10.37 -12.59 -14.43
N GLY B 40 9.47 -12.57 -13.45
CA GLY B 40 9.39 -13.63 -12.46
C GLY B 40 8.84 -13.17 -11.13
N PHE B 41 9.27 -13.84 -10.05
CA PHE B 41 8.80 -13.52 -8.69
C PHE B 41 9.87 -13.34 -7.62
N VAL B 42 9.45 -12.73 -6.51
CA VAL B 42 10.30 -12.51 -5.35
C VAL B 42 9.49 -12.67 -4.06
N LEU B 43 9.89 -13.63 -3.24
CA LEU B 43 9.18 -13.89 -1.98
C LEU B 43 10.17 -13.98 -0.80
N GLY B 44 9.87 -13.24 0.27
CA GLY B 44 10.67 -13.27 1.46
C GLY B 44 10.28 -14.59 2.10
N ILE B 45 11.27 -15.41 2.44
CA ILE B 45 11.10 -16.75 3.03
C ILE B 45 11.46 -16.72 4.53
N SER B 46 10.53 -17.22 5.36
CA SER B 46 10.66 -17.22 6.82
C SER B 46 10.77 -18.56 7.53
N GLY B 47 10.65 -19.66 6.78
CA GLY B 47 10.71 -20.96 7.40
C GLY B 47 9.30 -21.35 7.74
N GLY B 48 8.44 -20.35 7.91
CA GLY B 48 7.04 -20.60 8.21
C GLY B 48 6.32 -21.30 7.08
N GLN B 49 5.21 -21.95 7.44
CA GLN B 49 4.34 -22.72 6.55
C GLN B 49 3.86 -22.04 5.30
N ASP B 50 3.33 -20.82 5.47
CA ASP B 50 2.76 -20.02 4.39
C ASP B 50 3.76 -19.59 3.29
N SER B 51 4.94 -19.09 3.68
CA SER B 51 5.92 -18.69 2.69
C SER B 51 6.49 -19.94 2.00
N THR B 52 6.48 -21.09 2.69
CA THR B 52 7.00 -22.33 2.11
C THR B 52 6.09 -22.80 0.98
N LEU B 53 4.78 -22.79 1.24
CA LEU B 53 3.79 -23.16 0.23
C LEU B 53 3.85 -22.22 -0.97
N ALA B 54 3.83 -20.91 -0.73
CA ALA B 54 3.86 -19.94 -1.82
C ALA B 54 5.16 -20.02 -2.63
N GLY B 55 6.27 -20.30 -1.95
CA GLY B 55 7.56 -20.43 -2.61
C GLY B 55 7.63 -21.64 -3.54
N ARG B 56 7.18 -22.78 -3.08
CA ARG B 56 7.20 -23.96 -3.91
C ARG B 56 6.28 -23.70 -5.12
N LEU B 57 5.12 -23.08 -4.88
CA LEU B 57 4.20 -22.79 -5.98
C LEU B 57 4.82 -21.83 -7.00
N ALA B 58 5.58 -20.86 -6.50
CA ALA B 58 6.28 -19.87 -7.35
C ALA B 58 7.33 -20.60 -8.15
N GLN B 59 8.11 -21.46 -7.49
CA GLN B 59 9.15 -22.23 -8.17
C GLN B 59 8.57 -23.11 -9.26
N LEU B 60 7.48 -23.79 -8.98
CA LEU B 60 6.80 -24.66 -9.95
C LEU B 60 6.22 -23.86 -11.14
N ALA B 61 5.76 -22.64 -10.91
CA ALA B 61 5.20 -21.83 -11.99
C ALA B 61 6.30 -21.38 -12.91
N VAL B 62 7.42 -20.99 -12.33
CA VAL B 62 8.60 -20.51 -13.05
C VAL B 62 9.19 -21.60 -13.98
N GLU B 63 9.34 -22.80 -13.43
CA GLU B 63 9.81 -23.93 -14.20
C GLU B 63 8.82 -24.26 -15.32
N SER B 64 7.54 -24.31 -15.02
CA SER B 64 6.53 -24.59 -16.07
C SER B 64 6.60 -23.60 -17.27
N ILE B 65 6.73 -22.32 -16.96
CA ILE B 65 6.85 -21.30 -17.98
C ILE B 65 8.12 -21.51 -18.79
N ARG B 66 9.20 -21.92 -18.15
CA ARG B 66 10.46 -22.13 -18.86
C ARG B 66 10.37 -23.35 -19.78
N GLU B 67 9.58 -24.33 -19.37
CA GLU B 67 9.40 -25.53 -20.17
C GLU B 67 8.54 -25.27 -21.39
N GLU B 68 7.70 -24.23 -21.32
CA GLU B 68 6.85 -23.85 -22.44
C GLU B 68 7.67 -22.99 -23.39
N GLY B 69 8.95 -22.77 -23.07
CA GLY B 69 9.79 -21.95 -23.93
C GLY B 69 9.93 -20.47 -23.58
N GLY B 70 9.25 -20.01 -22.54
CA GLY B 70 9.36 -18.63 -22.14
C GLY B 70 10.50 -18.38 -21.15
N ASP B 71 10.50 -17.20 -20.55
CA ASP B 71 11.54 -16.84 -19.58
C ASP B 71 11.01 -16.30 -18.24
N ALA B 72 11.39 -16.95 -17.15
CA ALA B 72 10.95 -16.52 -15.82
C ALA B 72 11.94 -17.00 -14.76
N GLN B 73 12.03 -16.26 -13.66
CA GLN B 73 12.92 -16.63 -12.56
C GLN B 73 12.24 -16.36 -11.20
N PHE B 74 12.66 -17.11 -10.17
CA PHE B 74 12.14 -16.95 -8.81
C PHE B 74 13.31 -16.64 -7.84
N ILE B 75 13.21 -15.52 -7.11
CA ILE B 75 14.23 -15.17 -6.13
C ILE B 75 13.61 -15.32 -4.74
N ALA B 76 14.10 -16.27 -3.96
CA ALA B 76 13.65 -16.47 -2.59
C ALA B 76 14.59 -15.60 -1.80
N VAL B 77 14.07 -14.77 -0.90
CA VAL B 77 14.92 -13.89 -0.10
C VAL B 77 14.71 -14.08 1.38
N ARG B 78 15.77 -14.27 2.13
CA ARG B 78 15.60 -14.36 3.57
C ARG B 78 15.78 -12.92 4.07
N LEU B 79 14.93 -12.47 4.98
CA LEU B 79 15.04 -11.09 5.47
C LEU B 79 15.21 -11.03 6.99
N PRO B 80 16.37 -11.49 7.49
CA PRO B 80 16.55 -11.44 8.94
C PRO B 80 16.80 -10.02 9.41
N HIS B 81 16.69 -9.84 10.71
CA HIS B 81 16.94 -8.56 11.36
C HIS B 81 18.14 -8.92 12.22
N GLY B 82 19.33 -8.76 11.67
CA GLY B 82 20.51 -9.11 12.45
C GLY B 82 20.74 -10.62 12.43
N GLU B 87 16.73 -19.59 11.87
CA GLU B 87 17.20 -19.72 10.46
C GLU B 87 17.30 -21.18 10.03
N ASP B 88 17.26 -22.10 11.00
CA ASP B 88 17.34 -23.52 10.67
C ASP B 88 16.15 -23.93 9.83
N ASP B 89 14.98 -23.42 10.18
CA ASP B 89 13.79 -23.74 9.40
C ASP B 89 13.78 -23.05 8.04
N ALA B 90 14.30 -21.82 7.93
CA ALA B 90 14.35 -21.10 6.65
C ALA B 90 15.21 -21.88 5.69
N GLN B 91 16.28 -22.45 6.23
CA GLN B 91 17.20 -23.26 5.45
C GLN B 91 16.61 -24.61 5.05
N LEU B 92 15.81 -25.19 5.93
CA LEU B 92 15.17 -26.47 5.62
C LEU B 92 14.16 -26.24 4.50
N ALA B 93 13.45 -25.12 4.56
CA ALA B 93 12.47 -24.76 3.55
C ALA B 93 13.15 -24.42 2.21
N LEU B 94 14.33 -23.83 2.25
CA LEU B 94 15.07 -23.51 1.03
C LEU B 94 15.47 -24.79 0.28
N LYS B 95 15.69 -25.88 1.01
CA LYS B 95 16.04 -27.20 0.44
C LYS B 95 14.79 -27.89 -0.15
N PHE B 96 13.62 -27.58 0.41
CA PHE B 96 12.38 -28.15 -0.10
C PHE B 96 11.94 -27.39 -1.37
N ILE B 97 11.91 -26.07 -1.29
CA ILE B 97 11.53 -25.18 -2.41
C ILE B 97 12.47 -25.22 -3.62
N LYS B 98 13.78 -25.11 -3.38
CA LYS B 98 14.81 -25.14 -4.43
C LYS B 98 14.63 -23.99 -5.40
N PRO B 99 14.72 -22.74 -4.92
CA PRO B 99 14.52 -21.65 -5.86
C PRO B 99 15.69 -21.44 -6.84
N ASP B 100 15.46 -20.65 -7.88
CA ASP B 100 16.50 -20.37 -8.87
C ASP B 100 17.61 -19.65 -8.16
N LYS B 101 17.25 -18.63 -7.36
CA LYS B 101 18.19 -17.77 -6.63
C LYS B 101 17.74 -17.57 -5.19
N SER B 102 18.70 -17.60 -4.25
CA SER B 102 18.45 -17.42 -2.81
C SER B 102 19.22 -16.23 -2.32
N TRP B 103 18.51 -15.17 -2.06
CA TRP B 103 19.12 -13.94 -1.61
C TRP B 103 18.94 -13.69 -0.13
N LYS B 104 19.46 -12.58 0.32
CA LYS B 104 19.36 -12.25 1.73
C LYS B 104 19.54 -10.76 1.88
N PHE B 105 18.66 -10.11 2.64
CA PHE B 105 18.81 -8.67 2.92
C PHE B 105 18.48 -8.48 4.39
N ASP B 106 19.53 -8.36 5.19
CA ASP B 106 19.40 -8.15 6.65
C ASP B 106 18.80 -6.79 6.91
N ILE B 107 17.61 -6.71 7.52
CA ILE B 107 16.95 -5.41 7.79
C ILE B 107 17.45 -4.57 9.01
N LYS B 108 18.25 -5.18 9.86
CA LYS B 108 18.74 -4.55 11.09
C LYS B 108 19.14 -3.07 11.06
N SER B 109 20.13 -2.74 10.23
CA SER B 109 20.66 -1.39 10.15
C SER B 109 19.72 -0.32 9.66
N THR B 110 18.69 -0.71 8.91
CA THR B 110 17.71 0.22 8.38
C THR B 110 16.72 0.53 9.49
N VAL B 111 16.34 -0.51 10.23
CA VAL B 111 15.40 -0.40 11.33
C VAL B 111 16.07 0.41 12.47
N SER B 112 17.36 0.22 12.63
CA SER B 112 18.10 0.91 13.68
C SER B 112 18.23 2.37 13.41
N ALA B 113 18.58 2.69 12.17
CA ALA B 113 18.74 4.06 11.72
C ALA B 113 17.44 4.83 11.92
N PHE B 114 16.32 4.22 11.54
CA PHE B 114 14.99 4.83 11.64
C PHE B 114 14.66 5.10 13.08
N SER B 115 15.03 4.14 13.94
CA SER B 115 14.78 4.21 15.38
C SER B 115 15.52 5.31 16.08
N ASP B 116 16.78 5.46 15.74
CA ASP B 116 17.55 6.50 16.38
C ASP B 116 17.09 7.89 15.92
N GLN B 117 16.78 8.02 14.63
CA GLN B 117 16.30 9.28 14.08
C GLN B 117 14.96 9.63 14.70
N TYR B 118 14.10 8.62 14.88
CA TYR B 118 12.79 8.82 15.49
C TYR B 118 12.92 9.42 16.88
N GLN B 119 13.69 8.77 17.72
CA GLN B 119 13.97 9.18 19.08
C GLN B 119 14.57 10.58 19.04
N GLN B 120 15.46 10.79 18.08
CA GLN B 120 16.13 12.05 17.88
C GLN B 120 15.19 13.18 17.46
N GLU B 121 14.19 12.91 16.64
CA GLU B 121 13.27 13.96 16.19
C GLU B 121 12.11 14.19 17.13
N THR B 122 11.62 13.13 17.72
CA THR B 122 10.45 13.17 18.60
C THR B 122 10.73 13.21 20.12
N GLY B 123 11.86 12.65 20.53
CA GLY B 123 12.17 12.62 21.93
C GLY B 123 11.65 11.32 22.51
N ASP B 124 11.03 10.49 21.69
CA ASP B 124 10.47 9.25 22.20
C ASP B 124 11.11 8.04 21.61
N GLN B 125 11.01 6.94 22.33
CA GLN B 125 11.54 5.68 21.84
C GLN B 125 10.31 4.95 21.27
N LEU B 126 10.52 4.21 20.19
CA LEU B 126 9.44 3.48 19.57
C LEU B 126 9.16 2.29 20.47
N THR B 127 7.89 2.07 20.80
CA THR B 127 7.53 0.94 21.65
C THR B 127 7.71 -0.35 20.86
N ASP B 128 7.58 -1.47 21.56
CA ASP B 128 7.74 -2.78 20.94
C ASP B 128 6.82 -3.06 19.75
N PHE B 129 5.53 -2.73 19.91
CA PHE B 129 4.54 -2.95 18.86
C PHE B 129 4.87 -2.11 17.64
N ASN B 130 5.12 -0.82 17.84
CA ASN B 130 5.41 0.05 16.71
C ASN B 130 6.70 -0.27 15.96
N LYS B 131 7.71 -0.70 16.69
CA LYS B 131 8.99 -1.08 16.11
C LYS B 131 8.87 -2.41 15.36
N GLY B 132 7.93 -3.26 15.76
CA GLY B 132 7.71 -4.52 15.08
C GLY B 132 7.08 -4.23 13.73
N ASN B 133 6.20 -3.21 13.69
CA ASN B 133 5.56 -2.79 12.45
C ASN B 133 6.59 -2.14 11.49
N VAL B 134 7.55 -1.40 12.04
CA VAL B 134 8.61 -0.79 11.23
C VAL B 134 9.41 -1.94 10.59
N LYS B 135 9.54 -3.07 11.27
CA LYS B 135 10.30 -4.19 10.74
C LYS B 135 9.57 -4.87 9.58
N ALA B 136 8.23 -4.98 9.71
CA ALA B 136 7.38 -5.57 8.67
C ALA B 136 7.37 -4.63 7.45
N ARG B 137 7.21 -3.32 7.70
CA ARG B 137 7.23 -2.38 6.59
C ARG B 137 8.56 -2.26 5.86
N THR B 138 9.68 -2.46 6.58
CA THR B 138 11.01 -2.45 5.99
C THR B 138 11.24 -3.71 5.14
N ARG B 139 10.68 -4.84 5.56
CA ARG B 139 10.80 -6.05 4.76
C ARG B 139 10.09 -5.83 3.43
N MET B 140 8.94 -5.15 3.47
CA MET B 140 8.16 -4.82 2.26
C MET B 140 9.05 -4.04 1.29
N ILE B 141 9.66 -2.97 1.77
CA ILE B 141 10.55 -2.17 0.95
C ILE B 141 11.70 -2.97 0.29
N ALA B 142 12.25 -3.92 1.02
CA ALA B 142 13.37 -4.72 0.52
C ALA B 142 12.93 -5.60 -0.62
N GLN B 143 11.77 -6.21 -0.46
CA GLN B 143 11.21 -7.06 -1.51
C GLN B 143 10.83 -6.26 -2.76
N TYR B 144 10.28 -5.08 -2.58
CA TYR B 144 9.92 -4.29 -3.74
C TYR B 144 11.16 -3.70 -4.42
N ALA B 145 12.24 -3.52 -3.64
CA ALA B 145 13.47 -2.93 -4.19
C ALA B 145 14.15 -3.93 -5.07
N ILE B 146 14.05 -5.19 -4.70
CA ILE B 146 14.62 -6.30 -5.46
C ILE B 146 13.75 -6.52 -6.69
N GLY B 147 12.43 -6.54 -6.51
CA GLY B 147 11.53 -6.72 -7.62
C GLY B 147 11.63 -5.59 -8.60
N GLY B 148 11.76 -4.37 -8.11
CA GLY B 148 11.88 -3.24 -9.01
C GLY B 148 13.17 -3.20 -9.79
N GLN B 149 14.23 -3.72 -9.21
CA GLN B 149 15.55 -3.75 -9.84
C GLN B 149 15.64 -4.90 -10.84
N GLU B 150 14.92 -5.97 -10.55
CA GLU B 150 14.93 -7.18 -11.37
C GLU B 150 13.72 -7.41 -12.24
N GLY B 151 12.73 -6.53 -12.13
CA GLY B 151 11.50 -6.65 -12.90
C GLY B 151 10.72 -7.90 -12.50
N LEU B 152 10.57 -8.09 -11.19
CA LEU B 152 9.88 -9.25 -10.63
C LEU B 152 8.68 -8.79 -9.80
N LEU B 153 7.67 -9.65 -9.71
CA LEU B 153 6.48 -9.38 -8.94
C LEU B 153 6.63 -9.92 -7.50
N VAL B 154 6.13 -9.17 -6.53
CA VAL B 154 6.17 -9.56 -5.15
C VAL B 154 4.96 -10.41 -4.80
N LEU B 155 5.25 -11.60 -4.29
CA LEU B 155 4.23 -12.54 -3.86
C LEU B 155 3.91 -12.27 -2.40
N GLY B 156 2.65 -12.46 -2.02
CA GLY B 156 2.22 -12.29 -0.65
C GLY B 156 1.68 -13.63 -0.20
N THR B 157 1.71 -13.90 1.11
CA THR B 157 1.23 -15.18 1.64
C THR B 157 -0.12 -15.16 2.30
N ASP B 158 -0.82 -14.04 2.19
CA ASP B 158 -2.13 -13.86 2.77
C ASP B 158 -3.03 -14.98 2.28
N HIS B 159 -3.70 -15.60 3.23
CA HIS B 159 -4.64 -16.67 2.99
C HIS B 159 -5.88 -16.32 3.81
N ALA B 160 -6.94 -17.12 3.71
CA ALA B 160 -8.21 -16.86 4.42
C ALA B 160 -8.13 -16.76 5.96
N ALA B 161 -7.38 -17.67 6.57
CA ALA B 161 -7.27 -17.69 8.04
C ALA B 161 -6.55 -16.48 8.62
N GLU B 162 -5.76 -15.84 7.77
CA GLU B 162 -5.01 -14.67 8.14
C GLU B 162 -5.87 -13.42 7.85
N ALA B 163 -6.73 -13.54 6.85
CA ALA B 163 -7.61 -12.44 6.44
C ALA B 163 -8.81 -12.20 7.37
N VAL B 164 -9.47 -13.26 7.90
CA VAL B 164 -10.62 -13.00 8.80
C VAL B 164 -10.19 -12.15 10.00
N THR B 165 -9.04 -12.49 10.59
CA THR B 165 -8.51 -11.80 11.75
C THR B 165 -7.77 -10.50 11.54
N GLY B 166 -7.39 -10.24 10.29
CA GLY B 166 -6.67 -9.03 10.01
C GLY B 166 -5.38 -9.05 10.80
N PHE B 167 -4.82 -10.25 10.95
CA PHE B 167 -3.56 -10.42 11.68
C PHE B 167 -2.42 -10.26 10.69
N PHE B 168 -2.04 -9.02 10.43
CA PHE B 168 -0.93 -8.73 9.53
C PHE B 168 -0.77 -7.24 9.52
N THR B 169 0.39 -6.79 9.08
CA THR B 169 0.64 -5.37 9.05
C THR B 169 0.26 -4.81 7.70
N LYS B 170 -0.60 -3.81 7.74
CA LYS B 170 -1.04 -3.10 6.56
C LYS B 170 0.22 -2.47 5.95
N TYR B 171 0.56 -2.85 4.72
CA TYR B 171 1.74 -2.38 3.96
C TYR B 171 3.01 -3.00 4.47
N GLY B 172 2.88 -3.97 5.37
CA GLY B 172 4.06 -4.62 5.89
C GLY B 172 4.06 -5.85 5.04
N ASP B 173 3.79 -6.98 5.67
CA ASP B 173 3.69 -8.24 4.94
C ASP B 173 2.42 -8.28 4.08
N GLY B 174 1.49 -7.37 4.36
CA GLY B 174 0.29 -7.28 3.56
C GLY B 174 0.59 -6.69 2.17
N GLY B 175 1.69 -5.94 2.06
CA GLY B 175 2.03 -5.33 0.79
C GLY B 175 2.69 -6.29 -0.19
N ALA B 176 1.94 -6.74 -1.20
CA ALA B 176 2.39 -7.65 -2.25
C ALA B 176 1.70 -7.29 -3.57
N ASP B 177 2.09 -7.91 -4.69
CA ASP B 177 1.42 -7.65 -5.97
C ASP B 177 0.39 -8.73 -6.28
N LEU B 178 0.62 -9.96 -5.83
CA LEU B 178 -0.30 -11.07 -6.08
C LEU B 178 -0.34 -12.00 -4.90
N LEU B 179 -1.42 -12.75 -4.75
CA LEU B 179 -1.56 -13.66 -3.60
C LEU B 179 -2.01 -15.05 -4.05
N PRO B 180 -1.09 -16.05 -4.10
CA PRO B 180 -1.47 -17.42 -4.53
C PRO B 180 -2.31 -18.28 -3.59
N LEU B 181 -2.31 -17.94 -2.30
CA LEU B 181 -2.97 -18.70 -1.25
C LEU B 181 -4.38 -18.25 -0.89
N THR B 182 -4.88 -17.24 -1.60
CA THR B 182 -6.21 -16.67 -1.38
C THR B 182 -7.31 -17.72 -1.34
N GLY B 183 -8.13 -17.72 -0.30
CA GLY B 183 -9.23 -18.67 -0.23
C GLY B 183 -8.92 -19.93 0.58
N LEU B 184 -7.65 -20.12 0.95
CA LEU B 184 -7.23 -21.31 1.68
C LEU B 184 -7.19 -21.11 3.19
N THR B 185 -7.64 -22.13 3.92
CA THR B 185 -7.60 -22.12 5.39
C THR B 185 -6.25 -22.72 5.78
N LYS B 186 -5.87 -22.55 7.04
CA LYS B 186 -4.60 -23.05 7.49
C LYS B 186 -4.44 -24.56 7.28
N ARG B 187 -5.44 -25.33 7.65
CA ARG B 187 -5.37 -26.76 7.50
C ARG B 187 -5.44 -27.21 6.01
N GLN B 188 -5.99 -26.36 5.13
CA GLN B 188 -6.04 -26.72 3.72
C GLN B 188 -4.62 -26.47 3.16
N GLY B 189 -3.94 -25.47 3.72
CA GLY B 189 -2.59 -25.13 3.29
C GLY B 189 -1.63 -26.26 3.62
N ARG B 190 -1.90 -26.89 4.75
CA ARG B 190 -1.14 -28.03 5.29
C ARG B 190 -1.29 -29.25 4.35
N THR B 191 -2.52 -29.47 3.86
CA THR B 191 -2.85 -30.57 2.95
C THR B 191 -2.04 -30.43 1.67
N LEU B 192 -2.00 -29.20 1.18
CA LEU B 192 -1.28 -28.89 -0.03
C LEU B 192 0.20 -29.17 0.19
N LEU B 193 0.70 -28.81 1.37
CA LEU B 193 2.11 -29.02 1.66
C LEU B 193 2.48 -30.48 1.70
N LYS B 194 1.62 -31.31 2.33
CA LYS B 194 1.87 -32.75 2.40
C LYS B 194 1.87 -33.30 0.97
N GLU B 195 0.87 -32.89 0.19
CA GLU B 195 0.74 -33.32 -1.21
C GLU B 195 2.02 -33.04 -1.97
N LEU B 196 2.57 -31.84 -1.78
CA LEU B 196 3.82 -31.47 -2.44
C LEU B 196 5.00 -32.26 -1.85
N GLY B 197 4.74 -32.98 -0.76
CA GLY B 197 5.78 -33.76 -0.13
C GLY B 197 6.72 -32.92 0.70
N ALA B 198 6.16 -31.99 1.46
CA ALA B 198 6.95 -31.12 2.34
C ALA B 198 7.19 -31.85 3.67
N PRO B 199 8.37 -31.62 4.28
CA PRO B 199 8.76 -32.22 5.56
C PRO B 199 7.81 -31.80 6.68
N GLU B 200 7.36 -32.77 7.47
CA GLU B 200 6.45 -32.56 8.60
C GLU B 200 6.77 -31.31 9.39
N ARG B 201 8.05 -31.06 9.56
CA ARG B 201 8.53 -29.95 10.34
C ARG B 201 8.07 -28.58 9.81
N LEU B 202 7.73 -28.52 8.53
CA LEU B 202 7.29 -27.27 7.92
C LEU B 202 5.78 -26.97 8.06
N TYR B 203 4.94 -27.99 8.02
CA TYR B 203 3.51 -27.75 8.20
C TYR B 203 3.05 -28.32 9.52
N LEU B 204 3.96 -28.38 10.48
CA LEU B 204 3.68 -28.87 11.82
C LEU B 204 4.64 -28.20 12.80
N ILE B 226 -8.47 -17.52 19.37
CA ILE B 226 -9.07 -18.86 19.61
C ILE B 226 -8.17 -19.90 18.94
N SER B 227 -8.63 -21.14 18.90
CA SER B 227 -7.90 -22.25 18.30
C SER B 227 -7.83 -22.07 16.76
N TYR B 228 -6.63 -22.16 16.21
CA TYR B 228 -6.40 -22.04 14.78
C TYR B 228 -7.25 -23.02 13.97
N ASP B 229 -7.54 -24.17 14.58
CA ASP B 229 -8.38 -25.17 13.93
C ASP B 229 -9.82 -24.73 14.07
N GLU B 230 -10.07 -23.84 15.03
CA GLU B 230 -11.42 -23.30 15.26
C GLU B 230 -11.72 -22.27 14.21
N ILE B 231 -10.72 -21.47 13.87
CA ILE B 231 -10.92 -20.46 12.84
C ILE B 231 -11.20 -21.16 11.52
N ASP B 232 -10.64 -22.36 11.30
CA ASP B 232 -10.87 -23.12 10.06
C ASP B 232 -12.28 -23.67 9.92
N ASP B 233 -12.84 -24.12 11.03
CA ASP B 233 -14.18 -24.67 11.11
C ASP B 233 -15.17 -23.60 10.75
N TYR B 234 -14.94 -22.39 11.26
CA TYR B 234 -15.79 -21.27 10.97
C TYR B 234 -15.72 -20.99 9.48
N LEU B 235 -14.51 -20.85 8.96
CA LEU B 235 -14.29 -20.59 7.55
C LEU B 235 -14.80 -21.67 6.62
N GLU B 236 -14.72 -22.94 7.00
CA GLU B 236 -15.21 -24.03 6.14
C GLU B 236 -16.69 -24.31 6.33
N GLY B 237 -17.36 -23.47 7.12
CA GLY B 237 -18.80 -23.58 7.34
C GLY B 237 -19.34 -24.56 8.35
N LYS B 238 -18.45 -25.09 9.17
CA LYS B 238 -18.81 -26.04 10.21
C LYS B 238 -19.51 -25.38 11.38
N GLU B 239 -20.42 -26.12 12.00
CA GLU B 239 -21.16 -25.62 13.15
C GLU B 239 -20.17 -25.26 14.25
N VAL B 240 -20.04 -23.97 14.56
CA VAL B 240 -19.13 -23.53 15.62
C VAL B 240 -19.96 -22.97 16.77
N SER B 241 -19.30 -22.68 17.88
CA SER B 241 -19.99 -22.10 19.03
C SER B 241 -20.16 -20.60 18.81
N ALA B 242 -21.18 -20.02 19.44
CA ALA B 242 -21.45 -18.59 19.32
C ALA B 242 -20.30 -17.77 19.86
N LYS B 243 -19.51 -18.37 20.75
CA LYS B 243 -18.36 -17.69 21.33
C LYS B 243 -17.34 -17.42 20.25
N VAL B 244 -16.94 -18.48 19.55
CA VAL B 244 -15.98 -18.39 18.48
C VAL B 244 -16.58 -17.49 17.39
N SER B 245 -17.85 -17.74 17.06
CA SER B 245 -18.57 -16.98 16.04
C SER B 245 -18.54 -15.47 16.28
N GLU B 246 -18.92 -15.03 17.48
CA GLU B 246 -18.95 -13.61 17.81
C GLU B 246 -17.58 -12.92 17.81
N ALA B 247 -16.56 -13.61 18.29
CA ALA B 247 -15.20 -13.06 18.34
C ALA B 247 -14.69 -12.73 16.94
N LEU B 248 -14.77 -13.73 16.06
CA LEU B 248 -14.31 -13.63 14.68
C LEU B 248 -15.02 -12.58 13.86
N GLU B 249 -16.35 -12.54 13.94
CA GLU B 249 -17.14 -11.57 13.17
C GLU B 249 -16.83 -10.14 13.61
N LYS B 250 -16.43 -9.99 14.86
CA LYS B 250 -16.09 -8.71 15.44
C LYS B 250 -14.76 -8.28 14.86
N ARG B 251 -13.81 -9.20 14.95
CA ARG B 251 -12.44 -9.02 14.48
C ARG B 251 -12.46 -8.65 13.02
N TYR B 252 -13.20 -9.42 12.22
CA TYR B 252 -13.35 -9.21 10.77
C TYR B 252 -13.91 -7.81 10.41
N SER B 253 -15.01 -7.40 11.03
CA SER B 253 -15.56 -6.09 10.69
C SER B 253 -14.58 -4.98 11.08
N MET B 254 -13.80 -5.23 12.13
CA MET B 254 -12.80 -4.28 12.62
C MET B 254 -11.58 -4.16 11.72
N THR B 255 -11.26 -5.24 11.03
CA THR B 255 -10.10 -5.25 10.14
C THR B 255 -10.45 -5.06 8.68
N GLU B 256 -11.66 -4.58 8.38
CA GLU B 256 -12.07 -4.36 6.99
C GLU B 256 -11.12 -3.41 6.25
N HIS B 257 -10.65 -2.41 6.96
CA HIS B 257 -9.77 -1.42 6.38
C HIS B 257 -8.49 -2.06 5.84
N LYS B 258 -8.20 -3.26 6.27
CA LYS B 258 -6.98 -3.89 5.80
C LYS B 258 -7.17 -4.64 4.49
N ARG B 259 -8.42 -4.98 4.16
CA ARG B 259 -8.70 -5.71 2.92
C ARG B 259 -9.29 -4.81 1.88
N GLN B 260 -9.21 -3.52 2.15
CA GLN B 260 -9.77 -2.53 1.26
C GLN B 260 -8.72 -1.56 0.85
N VAL B 261 -9.01 -0.83 -0.22
CA VAL B 261 -8.15 0.22 -0.73
C VAL B 261 -8.43 1.40 0.25
N PRO B 262 -7.52 2.38 0.39
CA PRO B 262 -7.80 3.50 1.33
C PRO B 262 -9.21 4.02 1.16
N ALA B 263 -9.84 4.43 2.25
CA ALA B 263 -11.20 4.93 2.23
C ALA B 263 -11.45 6.36 1.74
N SER B 264 -12.63 6.61 1.21
CA SER B 264 -13.01 7.95 0.79
C SER B 264 -14.49 8.08 1.13
N MET B 265 -15.04 9.28 0.94
CA MET B 265 -16.43 9.54 1.22
C MET B 265 -17.38 8.80 0.26
N PHE B 266 -16.83 8.17 -0.76
CA PHE B 266 -17.61 7.47 -1.74
C PHE B 266 -17.72 5.99 -1.44
N ASP B 267 -17.11 5.57 -0.33
CA ASP B 267 -17.15 4.19 0.15
C ASP B 267 -18.04 4.15 1.36
N ASP B 268 -18.53 2.95 1.66
CA ASP B 268 -19.41 2.78 2.80
C ASP B 268 -19.13 1.53 3.66
N TRP B 269 -18.10 0.76 3.32
CA TRP B 269 -17.79 -0.44 4.10
C TRP B 269 -17.31 -0.10 5.49
N TRP B 270 -16.82 1.13 5.65
CA TRP B 270 -16.28 1.60 6.92
C TRP B 270 -17.32 2.20 7.84
N LYS B 271 -18.54 2.33 7.35
CA LYS B 271 -19.64 2.92 8.11
C LYS B 271 -20.39 1.91 8.99
MG MG C . 5.15 17.39 -5.04
P AMP D . 3.40 14.56 -4.52
O1P AMP D . 2.02 14.13 -4.84
O2P AMP D . 4.39 13.52 -4.74
O3P AMP D . 3.91 15.93 -4.96
O5' AMP D . 3.34 14.70 -2.95
C5' AMP D . 3.13 13.39 -2.43
C4' AMP D . 2.83 13.36 -0.96
O4' AMP D . 3.90 12.64 -0.29
C3' AMP D . 2.66 14.77 -0.41
O3' AMP D . 1.33 15.29 -0.56
C2' AMP D . 3.14 14.51 1.01
O2' AMP D . 2.07 14.05 1.85
C1' AMP D . 4.25 13.43 0.87
N9 AMP D . 5.58 14.01 0.70
C8 AMP D . 6.35 13.96 -0.42
N7 AMP D . 7.44 14.78 -0.29
C5 AMP D . 7.33 15.25 0.95
C6 AMP D . 8.31 15.98 1.61
N6 AMP D . 9.37 16.44 0.96
N1 AMP D . 8.05 16.29 2.91
C2 AMP D . 6.89 15.96 3.49
N3 AMP D . 5.96 15.23 2.84
C4 AMP D . 6.16 14.83 1.58
P1 POP E . 1.65 18.47 -6.27
O1 POP E . 0.97 17.22 -6.82
O2 POP E . 0.98 19.66 -6.91
O3 POP E . 3.20 18.41 -6.33
O POP E . 1.31 18.47 -4.61
P2 POP E . 1.83 17.53 -3.30
O4 POP E . 1.24 18.10 -2.04
O5 POP E . 3.31 17.61 -3.32
O6 POP E . 1.41 16.15 -3.66
#